data_6IP0
#
_entry.id   6IP0
#
_cell.length_a   129.670
_cell.length_b   129.670
_cell.length_c   231.520
_cell.angle_alpha   90.00
_cell.angle_beta   90.00
_cell.angle_gamma   120.00
#
_symmetry.space_group_name_H-M   'P 62 2 2'
#
loop_
_entity.id
_entity.type
_entity.pdbx_description
1 polymer 'Transcription factor jumonji (Jmj) family protein'
2 non-polymer '2-OXOGLUTARIC ACID'
3 non-polymer 'NICKEL (II) ION'
4 non-polymer 'ZINC ION'
5 non-polymer 'SULFATE ION'
6 water water
#
_entity_poly.entity_id   1
_entity_poly.type   'polypeptide(L)'
_entity_poly.pdbx_seq_one_letter_code
;SETDDLKWTERLPECPVYRPTKEEFEDPLTYLQKIFPEASKYGICKIVSPLTATVPAGAVLMKEKSNFKFTTRVQPLRLA
EWDSDDKVTFFMSGRTYTFRDYEKMANKVFARRYCSGGSLPDSFLEKEFWKEIACGKTETVEYACDVDGSAFSSAPGDPL
GSSKWNLNKVSRLPKSTLRLLETSIPGVTEPMLYIGMLFSMFAWHVEDHYLYSINYQHCGASKTWYGIPGSAALKFEKVV
KECVYNDDILSTNGEDGAFDVLLGKTTIFPPKTLLDHNVPVYKAVQKPGEFVVTFPRAYHAGFSHGFNCGEAVNFAMGDW
FPFGAIASCRYAHLNRVPLLPHEELICKEAMLLNSSSKSENLDLTPTELSGQRSIKTAFVHLIRFLHLARWSLMKSGLCT
GLVSNTYGTIVCSLCKRDCYLAFINCECYSHPVCLRHDVKKLDLPCGTTHTLYLRDNIEDMEAAAMKFEKEDGVSDLITT
DEDLYKYPSS
;
_entity_poly.pdbx_strand_id   A
#
loop_
_chem_comp.id
_chem_comp.type
_chem_comp.name
_chem_comp.formula
AKG non-polymer '2-OXOGLUTARIC ACID' 'C5 H6 O5'
NI non-polymer 'NICKEL (II) ION' 'Ni 2'
SO4 non-polymer 'SULFATE ION' 'O4 S -2'
ZN non-polymer 'ZINC ION' 'Zn 2'
#
# COMPACT_ATOMS: atom_id res chain seq x y z
N ASP A 5 -1.66 -25.11 -19.14
CA ASP A 5 -1.86 -25.17 -20.58
C ASP A 5 -2.19 -23.77 -21.14
N LEU A 6 -2.52 -22.85 -20.22
CA LEU A 6 -2.54 -21.40 -20.43
C LEU A 6 -3.75 -20.87 -21.18
N LYS A 7 -4.79 -21.68 -21.40
CA LYS A 7 -6.03 -21.11 -21.95
C LYS A 7 -6.58 -20.02 -21.02
N TRP A 8 -6.50 -20.25 -19.71
CA TRP A 8 -7.05 -19.32 -18.74
C TRP A 8 -6.65 -17.87 -19.00
N THR A 9 -5.44 -17.66 -19.54
CA THR A 9 -4.92 -16.29 -19.65
C THR A 9 -5.89 -15.38 -20.37
N GLU A 10 -6.61 -15.89 -21.39
CA GLU A 10 -7.45 -14.92 -22.07
C GLU A 10 -8.93 -15.11 -21.79
N ARG A 11 -9.28 -15.99 -20.86
CA ARG A 11 -10.63 -16.04 -20.33
C ARG A 11 -10.75 -15.31 -18.99
N LEU A 12 -9.67 -14.72 -18.50
CA LEU A 12 -9.71 -13.93 -17.27
C LEU A 12 -10.54 -12.68 -17.48
N PRO A 13 -11.53 -12.42 -16.62
CA PRO A 13 -12.29 -11.17 -16.76
C PRO A 13 -11.39 -9.98 -16.50
N GLU A 14 -11.64 -8.92 -17.24
CA GLU A 14 -10.85 -7.70 -17.11
C GLU A 14 -11.48 -6.79 -16.06
N CYS A 15 -10.64 -6.02 -15.38
CA CYS A 15 -11.08 -5.09 -14.35
C CYS A 15 -11.81 -3.92 -15.00
N PRO A 16 -12.51 -3.10 -14.22
CA PRO A 16 -13.17 -1.92 -14.81
C PRO A 16 -12.15 -0.93 -15.35
N VAL A 17 -12.49 -0.37 -16.51
CA VAL A 17 -11.69 0.66 -17.18
C VAL A 17 -12.52 1.92 -17.26
N TYR A 18 -11.99 3.01 -16.73
CA TYR A 18 -12.68 4.29 -16.70
C TYR A 18 -11.99 5.25 -17.65
N ARG A 19 -12.78 6.06 -18.35
CA ARG A 19 -12.28 7.01 -19.34
C ARG A 19 -12.90 8.38 -19.09
N PRO A 20 -12.57 9.02 -17.97
CA PRO A 20 -13.17 10.32 -17.67
C PRO A 20 -12.76 11.37 -18.69
N THR A 21 -13.66 12.33 -18.91
CA THR A 21 -13.26 13.54 -19.60
C THR A 21 -12.44 14.41 -18.66
N LYS A 22 -11.88 15.49 -19.22
CA LYS A 22 -11.10 16.42 -18.41
C LYS A 22 -11.90 16.92 -17.23
N GLU A 23 -13.15 17.32 -17.48
CA GLU A 23 -13.96 17.96 -16.45
C GLU A 23 -14.33 16.97 -15.36
N GLU A 24 -14.45 15.68 -15.70
CA GLU A 24 -14.69 14.65 -14.69
C GLU A 24 -13.40 14.21 -14.00
N PHE A 25 -12.24 14.53 -14.57
CA PHE A 25 -10.96 14.04 -14.02
C PHE A 25 -10.70 14.48 -12.58
N GLU A 26 -10.95 15.74 -12.30
CA GLU A 26 -10.84 16.27 -10.93
C GLU A 26 -9.51 15.86 -10.32
N ASP A 27 -9.53 15.48 -9.04
CA ASP A 27 -8.38 14.89 -8.40
C ASP A 27 -8.64 13.40 -8.15
N PRO A 28 -7.59 12.57 -8.10
CA PRO A 28 -7.83 11.11 -8.06
C PRO A 28 -8.60 10.63 -6.84
N LEU A 29 -8.56 11.34 -5.72
CA LEU A 29 -9.26 10.85 -4.54
C LEU A 29 -10.76 11.12 -4.64
N THR A 30 -11.13 12.32 -5.10
CA THR A 30 -12.54 12.62 -5.37
C THR A 30 -13.09 11.65 -6.41
N TYR A 31 -12.33 11.43 -7.48
CA TYR A 31 -12.77 10.56 -8.57
C TYR A 31 -12.94 9.14 -8.08
N LEU A 32 -11.98 8.65 -7.29
CA LEU A 32 -12.09 7.32 -6.73
C LEU A 32 -13.32 7.22 -5.83
N GLN A 33 -13.64 8.29 -5.11
CA GLN A 33 -14.82 8.25 -4.27
C GLN A 33 -16.09 8.16 -5.10
N LYS A 34 -16.11 8.78 -6.27
CA LYS A 34 -17.29 8.63 -7.14
C LYS A 34 -17.41 7.21 -7.69
N ILE A 35 -16.30 6.58 -8.08
CA ILE A 35 -16.40 5.24 -8.70
C ILE A 35 -16.28 4.10 -7.70
N PHE A 36 -16.00 4.37 -6.43
CA PHE A 36 -15.73 3.34 -5.43
C PHE A 36 -16.79 2.24 -5.36
N PRO A 37 -18.10 2.55 -5.29
CA PRO A 37 -19.08 1.45 -5.13
C PRO A 37 -18.97 0.37 -6.18
N GLU A 38 -18.56 0.71 -7.41
CA GLU A 38 -18.31 -0.31 -8.41
C GLU A 38 -16.88 -0.85 -8.30
N ALA A 39 -15.89 0.03 -8.40
CA ALA A 39 -14.51 -0.41 -8.57
C ALA A 39 -14.01 -1.22 -7.38
N SER A 40 -14.41 -0.84 -6.16
CA SER A 40 -13.96 -1.55 -4.96
C SER A 40 -14.38 -3.00 -4.95
N LYS A 41 -15.44 -3.37 -5.67
CA LYS A 41 -15.82 -4.78 -5.77
C LYS A 41 -14.77 -5.60 -6.51
N TYR A 42 -13.90 -4.96 -7.30
CA TYR A 42 -12.93 -5.67 -8.11
C TYR A 42 -11.54 -5.70 -7.50
N GLY A 43 -11.23 -4.80 -6.57
CA GLY A 43 -9.90 -4.70 -6.00
C GLY A 43 -8.91 -3.91 -6.83
N ILE A 44 -9.15 -3.78 -8.14
CA ILE A 44 -8.22 -3.10 -9.02
C ILE A 44 -9.03 -2.46 -10.13
N CYS A 45 -8.60 -1.28 -10.58
CA CYS A 45 -9.25 -0.66 -11.73
C CYS A 45 -8.22 0.14 -12.52
N LYS A 46 -8.63 0.57 -13.71
CA LYS A 46 -7.76 1.32 -14.60
C LYS A 46 -8.46 2.63 -14.97
N ILE A 47 -7.69 3.69 -15.14
CA ILE A 47 -8.23 5.01 -15.45
C ILE A 47 -7.37 5.61 -16.56
N VAL A 48 -7.95 5.80 -17.74
CA VAL A 48 -7.25 6.41 -18.87
C VAL A 48 -7.18 7.90 -18.61
N SER A 49 -5.97 8.45 -18.60
CA SER A 49 -5.82 9.88 -18.37
C SER A 49 -6.38 10.66 -19.56
N PRO A 50 -7.27 11.63 -19.33
CA PRO A 50 -7.65 12.55 -20.41
C PRO A 50 -6.65 13.67 -20.62
N LEU A 51 -5.58 13.71 -19.83
CA LEU A 51 -4.56 14.75 -19.92
C LEU A 51 -3.26 14.15 -20.40
N THR A 52 -2.68 14.75 -21.44
CA THR A 52 -1.37 14.35 -21.93
C THR A 52 -0.29 15.27 -21.35
N ALA A 53 0.89 14.71 -21.16
CA ALA A 53 2.03 15.53 -20.78
C ALA A 53 2.51 16.34 -21.97
N THR A 54 3.14 17.49 -21.68
CA THR A 54 3.82 18.25 -22.72
C THR A 54 5.27 17.82 -22.84
N VAL A 55 5.93 17.55 -21.72
CA VAL A 55 7.30 17.06 -21.68
C VAL A 55 7.25 15.59 -21.30
N PRO A 56 7.58 14.67 -22.20
CA PRO A 56 7.48 13.24 -21.88
C PRO A 56 8.53 12.81 -20.86
N ALA A 57 8.35 11.60 -20.33
CA ALA A 57 9.09 11.15 -19.16
C ALA A 57 10.60 11.21 -19.39
N GLY A 58 11.06 10.73 -20.54
CA GLY A 58 12.50 10.74 -20.81
C GLY A 58 13.07 12.15 -20.81
N ALA A 59 12.31 13.10 -21.35
CA ALA A 59 12.79 14.49 -21.35
C ALA A 59 12.76 15.09 -19.96
N VAL A 60 11.82 14.69 -19.11
CA VAL A 60 11.84 15.15 -17.72
C VAL A 60 13.07 14.59 -17.01
N LEU A 61 13.35 13.30 -17.21
CA LEU A 61 14.46 12.66 -16.51
C LEU A 61 15.80 13.20 -16.99
N MET A 62 15.90 13.59 -18.26
CA MET A 62 17.17 14.05 -18.80
C MET A 62 17.37 15.56 -18.69
N LYS A 63 16.29 16.34 -18.81
CA LYS A 63 16.38 17.80 -18.90
C LYS A 63 16.01 18.51 -17.61
N GLU A 64 15.06 18.01 -16.85
CA GLU A 64 14.63 18.63 -15.61
C GLU A 64 15.37 18.09 -14.40
N LYS A 65 16.24 17.09 -14.58
CA LYS A 65 17.08 16.57 -13.51
C LYS A 65 18.52 16.55 -13.99
N SER A 66 19.45 16.55 -13.03
CA SER A 66 20.88 16.56 -13.31
C SER A 66 21.43 15.15 -13.20
N ASN A 67 22.01 14.65 -14.30
CA ASN A 67 22.71 13.36 -14.34
C ASN A 67 21.93 12.26 -13.64
N PHE A 68 20.65 12.14 -14.01
CA PHE A 68 19.83 11.08 -13.44
C PHE A 68 20.39 9.71 -13.79
N LYS A 69 20.58 8.92 -12.74
CA LYS A 69 21.10 7.55 -12.81
C LYS A 69 20.42 6.70 -11.72
N PHE A 70 20.38 5.39 -11.90
CA PHE A 70 19.74 4.54 -10.93
C PHE A 70 20.46 3.20 -10.93
N THR A 71 20.28 2.46 -9.84
CA THR A 71 20.88 1.15 -9.66
C THR A 71 19.76 0.12 -9.64
N THR A 72 19.99 -0.99 -10.33
CA THR A 72 18.99 -2.03 -10.42
C THR A 72 19.16 -3.04 -9.29
N ARG A 73 18.10 -3.79 -9.07
CA ARG A 73 18.12 -5.02 -8.31
C ARG A 73 17.99 -6.18 -9.28
N VAL A 74 18.56 -7.31 -8.89
CA VAL A 74 18.46 -8.54 -9.68
C VAL A 74 17.38 -9.40 -9.04
N GLN A 75 16.39 -9.76 -9.83
CA GLN A 75 15.20 -10.45 -9.39
C GLN A 75 15.22 -11.85 -9.98
N PRO A 76 15.22 -12.90 -9.17
CA PRO A 76 15.15 -14.25 -9.73
C PRO A 76 13.76 -14.52 -10.27
N LEU A 77 13.70 -15.28 -11.36
CA LEU A 77 12.41 -15.57 -11.98
C LEU A 77 11.62 -16.58 -11.15
N ARG A 78 12.30 -17.56 -10.57
CA ARG A 78 11.66 -18.60 -9.77
C ARG A 78 12.16 -18.45 -8.33
N LEU A 79 11.41 -17.67 -7.54
CA LEU A 79 11.87 -17.30 -6.20
C LEU A 79 12.12 -18.52 -5.32
N ALA A 80 11.30 -19.56 -5.45
CA ALA A 80 11.40 -20.73 -4.58
C ALA A 80 12.65 -21.56 -4.83
N GLU A 81 13.36 -21.34 -5.93
CA GLU A 81 14.54 -22.12 -6.25
C GLU A 81 15.80 -21.63 -5.57
N TRP A 82 15.70 -20.65 -4.67
CA TRP A 82 16.86 -20.00 -4.07
C TRP A 82 16.72 -19.93 -2.56
N ASP A 83 17.84 -20.13 -1.85
CA ASP A 83 17.87 -19.99 -0.40
C ASP A 83 17.94 -18.51 -0.02
N SER A 84 18.02 -18.25 1.28
CA SER A 84 17.93 -16.88 1.78
C SER A 84 19.22 -16.08 1.56
N ASP A 85 20.37 -16.73 1.43
CA ASP A 85 21.61 -16.01 1.16
C ASP A 85 21.64 -15.50 -0.29
N ASP A 86 21.22 -16.35 -1.23
CA ASP A 86 21.24 -15.98 -2.63
C ASP A 86 20.33 -14.79 -2.90
N LYS A 87 19.22 -14.66 -2.17
CA LYS A 87 18.34 -13.50 -2.34
C LYS A 87 19.07 -12.22 -1.94
N VAL A 88 19.76 -12.23 -0.81
CA VAL A 88 20.56 -11.07 -0.39
C VAL A 88 21.52 -10.68 -1.49
N THR A 89 22.29 -11.64 -1.97
CA THR A 89 23.27 -11.39 -3.02
C THR A 89 22.60 -10.80 -4.26
N PHE A 90 21.44 -11.36 -4.61
CA PHE A 90 20.69 -10.90 -5.78
C PHE A 90 20.35 -9.41 -5.66
N PHE A 91 19.84 -8.99 -4.50
CA PHE A 91 19.46 -7.59 -4.32
C PHE A 91 20.62 -6.64 -4.64
N MET A 92 21.83 -6.96 -4.19
CA MET A 92 22.98 -6.08 -4.36
C MET A 92 23.78 -6.38 -5.63
N SER A 93 23.37 -7.35 -6.45
CA SER A 93 24.09 -7.67 -7.67
C SER A 93 23.74 -6.76 -8.83
N GLY A 94 22.99 -5.70 -8.59
CA GLY A 94 22.55 -4.84 -9.67
C GLY A 94 23.68 -4.02 -10.26
N ARG A 95 23.28 -3.11 -11.13
CA ARG A 95 24.20 -2.30 -11.91
C ARG A 95 23.61 -0.90 -12.07
N THR A 96 24.48 0.10 -12.10
CA THR A 96 24.05 1.48 -12.32
C THR A 96 23.89 1.78 -13.81
N TYR A 97 22.81 2.45 -14.16
CA TYR A 97 22.44 2.72 -15.55
C TYR A 97 21.90 4.13 -15.71
N THR A 98 22.09 4.69 -16.90
CA THR A 98 21.24 5.78 -17.36
C THR A 98 19.91 5.22 -17.87
N PHE A 99 18.90 6.10 -17.91
CA PHE A 99 17.63 5.76 -18.54
C PHE A 99 17.85 5.19 -19.94
N ARG A 100 18.66 5.87 -20.74
CA ARG A 100 18.85 5.47 -22.14
C ARG A 100 19.56 4.12 -22.25
N ASP A 101 20.63 3.93 -21.47
CA ASP A 101 21.38 2.68 -21.60
C ASP A 101 20.62 1.50 -21.00
N TYR A 102 19.82 1.72 -19.97
CA TYR A 102 18.94 0.65 -19.50
C TYR A 102 17.91 0.31 -20.56
N GLU A 103 17.36 1.32 -21.24
CA GLU A 103 16.44 1.05 -22.34
C GLU A 103 17.12 0.20 -23.40
N LYS A 104 18.33 0.57 -23.80
CA LYS A 104 18.99 -0.16 -24.87
C LYS A 104 19.37 -1.57 -24.44
N MET A 105 19.81 -1.76 -23.19
CA MET A 105 20.07 -3.11 -22.71
C MET A 105 18.82 -3.96 -22.77
N ALA A 106 17.69 -3.41 -22.31
CA ALA A 106 16.44 -4.18 -22.34
C ALA A 106 16.05 -4.54 -23.76
N ASN A 107 16.24 -3.61 -24.70
CA ASN A 107 15.84 -3.87 -26.07
C ASN A 107 16.74 -4.92 -26.71
N LYS A 108 18.03 -4.89 -26.42
CA LYS A 108 18.93 -5.90 -26.99
C LYS A 108 18.68 -7.28 -26.38
N VAL A 109 18.32 -7.35 -25.10
CA VAL A 109 17.94 -8.62 -24.50
C VAL A 109 16.66 -9.14 -25.15
N PHE A 110 15.66 -8.26 -25.32
CA PHE A 110 14.41 -8.63 -25.97
C PHE A 110 14.66 -9.13 -27.39
N ALA A 111 15.49 -8.41 -28.14
CA ALA A 111 15.76 -8.81 -29.51
C ALA A 111 16.53 -10.12 -29.57
N ARG A 112 17.37 -10.40 -28.57
CA ARG A 112 18.03 -11.69 -28.57
C ARG A 112 17.06 -12.81 -28.24
N ARG A 113 15.98 -12.52 -27.50
CA ARG A 113 15.00 -13.59 -27.31
C ARG A 113 14.08 -13.76 -28.52
N TYR A 114 13.69 -12.67 -29.19
CA TYR A 114 12.64 -12.74 -30.21
C TYR A 114 13.08 -12.28 -31.60
N CYS A 115 14.38 -12.12 -31.84
CA CYS A 115 14.95 -11.77 -33.15
C CYS A 115 14.66 -10.33 -33.55
N SER A 116 13.75 -9.67 -32.85
CA SER A 116 13.42 -8.26 -33.05
C SER A 116 13.05 -7.67 -31.71
N GLY A 117 13.28 -6.37 -31.56
CA GLY A 117 12.89 -5.70 -30.34
C GLY A 117 11.53 -5.06 -30.37
N GLY A 118 10.79 -5.22 -31.47
CA GLY A 118 9.46 -4.62 -31.56
C GLY A 118 8.50 -5.25 -30.59
N SER A 119 7.72 -4.41 -29.90
CA SER A 119 6.70 -4.88 -28.97
C SER A 119 5.83 -5.95 -29.62
N LEU A 120 5.55 -7.00 -28.87
CA LEU A 120 4.77 -8.12 -29.33
C LEU A 120 3.37 -8.11 -28.71
N PRO A 121 2.41 -8.83 -29.30
CA PRO A 121 1.03 -8.76 -28.80
C PRO A 121 0.94 -9.17 -27.33
N ASP A 122 -0.01 -8.55 -26.63
CA ASP A 122 -0.14 -8.74 -25.18
C ASP A 122 -0.35 -10.20 -24.83
N SER A 123 -1.24 -10.89 -25.55
CA SER A 123 -1.51 -12.29 -25.23
C SER A 123 -0.26 -13.14 -25.40
N PHE A 124 0.50 -12.88 -26.45
CA PHE A 124 1.73 -13.62 -26.69
C PHE A 124 2.69 -13.51 -25.52
N LEU A 125 2.95 -12.27 -25.06
CA LEU A 125 3.94 -12.09 -24.01
C LEU A 125 3.40 -12.55 -22.65
N GLU A 126 2.09 -12.49 -22.42
CA GLU A 126 1.54 -13.05 -21.19
C GLU A 126 1.78 -14.55 -21.11
N LYS A 127 1.45 -15.26 -22.19
CA LYS A 127 1.73 -16.69 -22.23
C LYS A 127 3.22 -16.97 -22.12
N GLU A 128 4.04 -16.14 -22.79
CA GLU A 128 5.48 -16.31 -22.72
C GLU A 128 5.99 -16.19 -21.29
N PHE A 129 5.49 -15.21 -20.54
CA PHE A 129 5.93 -15.03 -19.17
C PHE A 129 5.58 -16.24 -18.32
N TRP A 130 4.34 -16.72 -18.42
CA TRP A 130 3.98 -17.84 -17.55
C TRP A 130 4.71 -19.13 -17.95
N LYS A 131 4.91 -19.36 -19.24
CA LYS A 131 5.64 -20.55 -19.65
C LYS A 131 7.12 -20.45 -19.26
N GLU A 132 7.67 -19.23 -19.27
CA GLU A 132 9.03 -19.02 -18.77
C GLU A 132 9.12 -19.33 -17.28
N ILE A 133 8.15 -18.84 -16.49
CA ILE A 133 8.14 -19.14 -15.07
C ILE A 133 8.09 -20.64 -14.83
N ALA A 134 7.26 -21.36 -15.62
CA ALA A 134 7.05 -22.77 -15.37
C ALA A 134 8.22 -23.65 -15.82
N CYS A 135 8.85 -23.32 -16.94
CA CYS A 135 9.90 -24.22 -17.43
C CYS A 135 11.04 -23.51 -18.17
N GLY A 136 11.18 -22.20 -18.03
CA GLY A 136 12.22 -21.48 -18.72
C GLY A 136 13.61 -21.72 -18.14
N LYS A 137 14.61 -21.17 -18.82
CA LYS A 137 15.99 -21.27 -18.41
C LYS A 137 16.61 -19.94 -18.03
N THR A 138 15.91 -18.82 -18.25
CA THR A 138 16.37 -17.53 -17.78
C THR A 138 16.29 -17.49 -16.26
N GLU A 139 17.41 -17.17 -15.61
CA GLU A 139 17.45 -17.20 -14.17
C GLU A 139 16.95 -15.91 -13.54
N THR A 140 17.32 -14.77 -14.10
CA THR A 140 17.08 -13.50 -13.43
C THR A 140 16.71 -12.42 -14.42
N VAL A 141 16.22 -11.32 -13.88
CA VAL A 141 15.84 -10.14 -14.63
C VAL A 141 16.19 -8.91 -13.80
N GLU A 142 16.63 -7.86 -14.48
CA GLU A 142 17.08 -6.64 -13.81
C GLU A 142 15.95 -5.62 -13.80
N TYR A 143 15.77 -4.95 -12.67
CA TYR A 143 14.75 -3.91 -12.64
C TYR A 143 15.14 -2.88 -11.59
N ALA A 144 14.58 -1.69 -11.73
CA ALA A 144 14.82 -0.63 -10.75
C ALA A 144 13.49 -0.30 -10.06
N CYS A 145 13.25 -0.95 -8.93
CA CYS A 145 12.17 -0.55 -8.05
C CYS A 145 12.56 0.68 -7.24
N ASP A 146 11.58 1.22 -6.52
CA ASP A 146 11.81 2.05 -5.34
C ASP A 146 12.88 3.11 -5.57
N VAL A 147 13.01 3.56 -6.82
CA VAL A 147 13.91 4.66 -7.15
C VAL A 147 13.21 5.97 -6.84
N ASP A 148 13.92 6.90 -6.23
CA ASP A 148 13.34 8.18 -5.85
C ASP A 148 13.75 9.25 -6.84
N GLY A 149 12.77 10.06 -7.23
CA GLY A 149 12.79 10.84 -8.45
C GLY A 149 11.43 10.69 -9.10
N SER A 150 11.13 11.61 -10.01
CA SER A 150 9.81 11.64 -10.63
C SER A 150 9.94 12.01 -12.09
N ALA A 151 9.04 11.46 -12.91
CA ALA A 151 8.99 11.75 -14.34
C ALA A 151 7.85 12.69 -14.71
N PHE A 152 7.08 13.16 -13.73
CA PHE A 152 6.11 14.20 -13.99
C PHE A 152 6.83 15.52 -14.18
N SER A 153 6.43 16.26 -15.20
CA SER A 153 7.10 17.53 -15.48
C SER A 153 6.77 18.55 -14.39
N SER A 154 7.77 19.33 -14.01
CA SER A 154 7.54 20.49 -13.15
C SER A 154 7.26 21.75 -13.95
N ALA A 155 7.30 21.67 -15.28
CA ALA A 155 7.04 22.84 -16.11
C ALA A 155 5.60 23.29 -15.92
N PRO A 156 5.35 24.61 -15.91
CA PRO A 156 4.02 25.10 -15.53
C PRO A 156 2.95 24.81 -16.57
N GLY A 157 3.31 24.72 -17.85
CA GLY A 157 2.30 24.50 -18.87
C GLY A 157 1.82 23.06 -18.97
N ASP A 158 2.53 22.12 -18.35
CA ASP A 158 2.22 20.70 -18.52
C ASP A 158 0.85 20.36 -17.96
N PRO A 159 -0.09 19.97 -18.81
CA PRO A 159 -1.43 19.63 -18.31
C PRO A 159 -1.41 18.51 -17.28
N LEU A 160 -0.60 17.48 -17.51
CA LEU A 160 -0.54 16.37 -16.57
C LEU A 160 0.26 16.76 -15.33
N GLY A 161 1.45 17.33 -15.53
CA GLY A 161 2.32 17.65 -14.41
C GLY A 161 1.73 18.70 -13.48
N SER A 162 0.90 19.59 -14.01
CA SER A 162 0.26 20.62 -13.20
C SER A 162 -1.12 20.21 -12.69
N SER A 163 -1.57 19.00 -13.01
CA SER A 163 -2.84 18.52 -12.49
C SER A 163 -2.67 17.90 -11.10
N LYS A 164 -3.80 17.62 -10.47
CA LYS A 164 -3.78 16.92 -9.19
C LYS A 164 -3.54 15.43 -9.34
N TRP A 165 -3.48 14.92 -10.57
CA TRP A 165 -3.11 13.53 -10.81
C TRP A 165 -1.60 13.35 -10.95
N ASN A 166 -0.83 14.45 -10.93
CA ASN A 166 0.61 14.35 -10.69
C ASN A 166 0.81 13.71 -9.32
N LEU A 167 1.41 12.52 -9.30
CA LEU A 167 1.42 11.73 -8.08
C LEU A 167 2.24 12.36 -6.96
N ASN A 168 3.07 13.38 -7.23
CA ASN A 168 3.73 14.10 -6.15
C ASN A 168 2.75 14.92 -5.33
N LYS A 169 1.56 15.20 -5.85
CA LYS A 169 0.57 16.02 -5.15
C LYS A 169 -0.44 15.18 -4.38
N VAL A 170 -0.44 13.87 -4.56
CA VAL A 170 -1.56 13.05 -4.09
C VAL A 170 -1.63 13.05 -2.56
N SER A 171 -0.50 12.82 -1.88
CA SER A 171 -0.57 12.59 -0.44
C SER A 171 -0.98 13.84 0.33
N ARG A 172 -0.88 15.02 -0.27
CA ARG A 172 -1.30 16.26 0.38
C ARG A 172 -2.71 16.69 -0.03
N LEU A 173 -3.42 15.90 -0.82
CA LEU A 173 -4.76 16.26 -1.26
C LEU A 173 -5.71 16.32 -0.06
N PRO A 174 -6.76 17.15 -0.14
CA PRO A 174 -7.63 17.34 1.04
C PRO A 174 -8.27 16.05 1.54
N LYS A 175 -8.52 15.08 0.66
CA LYS A 175 -9.09 13.81 1.08
C LYS A 175 -8.03 12.75 1.38
N SER A 176 -6.75 13.11 1.28
CA SER A 176 -5.69 12.17 1.62
C SER A 176 -5.56 12.10 3.15
N THR A 177 -5.83 10.92 3.71
CA THR A 177 -5.68 10.75 5.15
C THR A 177 -4.26 11.06 5.59
N LEU A 178 -3.27 10.68 4.78
CA LEU A 178 -1.88 10.80 5.19
C LEU A 178 -1.33 12.20 4.99
N ARG A 179 -2.15 13.14 4.51
CA ARG A 179 -1.77 14.54 4.55
C ARG A 179 -1.45 14.99 5.97
N LEU A 180 -1.93 14.27 6.99
CA LEU A 180 -1.75 14.65 8.38
C LEU A 180 -0.45 14.14 8.98
N LEU A 181 0.28 13.27 8.27
CA LEU A 181 1.59 12.87 8.76
C LEU A 181 2.54 14.05 8.74
N GLU A 182 3.40 14.13 9.75
CA GLU A 182 4.47 15.13 9.78
C GLU A 182 5.81 14.55 9.37
N THR A 183 5.92 13.24 9.28
CA THR A 183 7.13 12.54 8.87
C THR A 183 6.99 12.10 7.42
N SER A 184 8.13 11.91 6.77
CA SER A 184 8.16 11.43 5.40
C SER A 184 8.29 9.91 5.37
N ILE A 185 7.59 9.28 4.45
CA ILE A 185 7.71 7.83 4.25
C ILE A 185 7.82 7.55 2.75
N PRO A 186 8.94 7.03 2.28
CA PRO A 186 9.08 6.73 0.84
C PRO A 186 7.99 5.79 0.35
N GLY A 187 7.46 6.11 -0.84
CA GLY A 187 6.35 5.37 -1.38
C GLY A 187 4.99 5.73 -0.82
N VAL A 188 4.95 6.48 0.28
CA VAL A 188 3.70 6.73 0.99
C VAL A 188 3.38 8.22 1.00
N THR A 189 4.31 9.04 1.48
CA THR A 189 4.17 10.48 1.36
C THR A 189 4.76 11.02 0.05
N GLU A 190 5.52 10.19 -0.66
CA GLU A 190 6.22 10.56 -1.89
C GLU A 190 6.13 9.38 -2.84
N PRO A 191 6.00 9.64 -4.13
CA PRO A 191 5.96 8.53 -5.09
C PRO A 191 7.36 7.99 -5.31
N MET A 192 7.41 6.84 -5.96
CA MET A 192 8.67 6.23 -6.35
C MET A 192 8.60 5.78 -7.80
N LEU A 193 9.76 5.82 -8.45
CA LEU A 193 9.91 5.48 -9.84
C LEU A 193 10.23 4.00 -9.99
N TYR A 194 9.64 3.37 -11.01
CA TYR A 194 9.86 1.97 -11.31
C TYR A 194 10.26 1.86 -12.76
N ILE A 195 11.34 1.14 -13.02
CA ILE A 195 11.83 0.95 -14.38
C ILE A 195 12.02 -0.54 -14.57
N GLY A 196 11.36 -1.09 -15.60
CA GLY A 196 11.33 -2.51 -15.80
C GLY A 196 11.71 -2.88 -17.23
N MET A 197 11.84 -4.18 -17.41
CA MET A 197 12.20 -4.78 -18.68
C MET A 197 11.33 -6.02 -18.86
N LEU A 198 11.50 -6.71 -19.97
CA LEU A 198 10.72 -7.91 -20.25
C LEU A 198 10.80 -8.90 -19.08
N PHE A 199 9.64 -9.25 -18.54
CA PHE A 199 9.41 -10.26 -17.51
C PHE A 199 9.82 -9.82 -16.11
N SER A 200 10.30 -8.59 -15.91
CA SER A 200 10.44 -8.11 -14.54
C SER A 200 9.05 -7.98 -13.93
N MET A 201 8.93 -8.36 -12.66
CA MET A 201 7.63 -8.68 -12.10
C MET A 201 7.47 -8.10 -10.70
N PHE A 202 6.23 -8.04 -10.24
CA PHE A 202 5.91 -7.83 -8.84
C PHE A 202 5.06 -9.02 -8.38
N ALA A 203 5.59 -9.79 -7.44
CA ALA A 203 4.88 -10.96 -6.93
C ALA A 203 3.71 -10.54 -6.05
N TRP A 204 2.89 -11.57 -5.87
CA TRP A 204 1.64 -11.50 -5.18
C TRP A 204 1.90 -10.94 -3.84
N HIS A 205 1.11 -9.92 -3.57
CA HIS A 205 1.15 -9.19 -2.35
C HIS A 205 0.00 -8.11 -2.14
N VAL A 206 -0.05 -7.50 -0.94
CA VAL A 206 -0.92 -6.37 -0.45
C VAL A 206 -0.07 -5.24 0.11
N GLU A 207 -0.43 -4.08 -0.14
CA GLU A 207 0.37 -2.97 0.35
C GLU A 207 0.54 -3.05 1.87
N ASP A 208 1.59 -2.39 2.53
CA ASP A 208 1.76 -2.20 3.96
C ASP A 208 0.59 -1.39 4.52
N HIS A 209 0.05 -1.82 5.64
CA HIS A 209 -1.04 -1.09 6.28
C HIS A 209 -2.31 -1.11 5.41
N TYR A 210 -2.36 -2.04 4.47
CA TYR A 210 -3.54 -2.17 3.60
C TYR A 210 -3.91 -0.85 2.92
N LEU A 211 -2.90 -0.06 2.57
CA LEU A 211 -3.16 1.19 1.87
C LEU A 211 -3.63 0.93 0.43
N TYR A 212 -4.24 1.97 -0.16
CA TYR A 212 -4.38 2.04 -1.60
C TYR A 212 -3.02 2.21 -2.27
N SER A 213 -2.94 1.81 -3.54
CA SER A 213 -1.83 2.24 -4.38
C SER A 213 -2.38 2.78 -5.70
N ILE A 214 -1.72 3.82 -6.22
CA ILE A 214 -2.01 4.34 -7.55
C ILE A 214 -0.70 4.39 -8.32
N ASN A 215 -0.75 3.94 -9.58
CA ASN A 215 0.42 3.73 -10.41
C ASN A 215 0.13 4.32 -11.78
N TYR A 216 1.03 5.17 -12.27
CA TYR A 216 0.93 5.76 -13.60
C TYR A 216 2.02 5.18 -14.49
N GLN A 217 1.73 4.85 -15.73
CA GLN A 217 2.78 4.40 -16.64
C GLN A 217 3.12 5.55 -17.53
N HIS A 218 4.37 5.90 -17.56
CA HIS A 218 4.87 7.05 -18.32
C HIS A 218 5.17 6.68 -19.77
N CYS A 219 5.76 5.52 -20.00
CA CYS A 219 6.28 5.17 -21.32
C CYS A 219 6.62 3.69 -21.33
N GLY A 220 6.74 3.14 -22.54
CA GLY A 220 7.24 1.80 -22.71
C GLY A 220 6.16 0.75 -22.87
N ALA A 221 6.60 -0.50 -22.69
CA ALA A 221 5.78 -1.65 -23.01
C ALA A 221 4.64 -1.84 -22.01
N SER A 222 3.72 -2.74 -22.37
CA SER A 222 2.57 -3.03 -21.54
C SER A 222 2.99 -3.62 -20.19
N LYS A 223 2.11 -3.46 -19.20
CA LYS A 223 2.31 -4.02 -17.88
C LYS A 223 1.03 -4.74 -17.49
N THR A 224 1.12 -6.05 -17.26
CA THR A 224 -0.06 -6.84 -16.90
C THR A 224 -0.17 -6.99 -15.38
N TRP A 225 -1.35 -6.67 -14.86
CA TRP A 225 -1.74 -6.80 -13.47
C TRP A 225 -2.82 -7.85 -13.31
N TYR A 226 -2.75 -8.58 -12.20
CA TYR A 226 -3.83 -9.40 -11.70
C TYR A 226 -4.19 -8.90 -10.32
N GLY A 227 -5.48 -8.68 -10.08
CA GLY A 227 -5.93 -8.12 -8.83
C GLY A 227 -7.04 -8.96 -8.21
N ILE A 228 -7.10 -8.88 -6.88
CA ILE A 228 -8.04 -9.64 -6.06
C ILE A 228 -8.89 -8.63 -5.31
N PRO A 229 -10.21 -8.73 -5.31
CA PRO A 229 -11.02 -7.84 -4.47
C PRO A 229 -10.59 -7.94 -3.01
N GLY A 230 -10.65 -6.80 -2.32
CA GLY A 230 -10.37 -6.82 -0.89
C GLY A 230 -11.20 -7.85 -0.14
N SER A 231 -12.47 -8.01 -0.55
CA SER A 231 -13.38 -8.93 0.13
C SER A 231 -12.92 -10.38 0.03
N ALA A 232 -12.03 -10.71 -0.90
CA ALA A 232 -11.57 -12.09 -1.07
C ALA A 232 -10.22 -12.34 -0.39
N ALA A 233 -9.69 -11.34 0.32
CA ALA A 233 -8.34 -11.44 0.86
C ALA A 233 -8.16 -12.72 1.67
N LEU A 234 -9.01 -12.92 2.67
CA LEU A 234 -8.88 -14.13 3.49
C LEU A 234 -8.93 -15.38 2.64
N LYS A 235 -9.92 -15.46 1.74
CA LYS A 235 -9.98 -16.63 0.86
C LYS A 235 -8.65 -16.81 0.14
N PHE A 236 -8.12 -15.74 -0.46
CA PHE A 236 -6.82 -15.80 -1.12
C PHE A 236 -5.81 -16.49 -0.22
N GLU A 237 -5.63 -15.95 0.99
CA GLU A 237 -4.63 -16.53 1.89
C GLU A 237 -4.93 -17.99 2.18
N LYS A 238 -6.19 -18.30 2.51
CA LYS A 238 -6.55 -19.69 2.75
C LYS A 238 -6.09 -20.54 1.58
N VAL A 239 -6.51 -20.18 0.36
CA VAL A 239 -6.18 -21.01 -0.79
C VAL A 239 -4.68 -21.14 -0.92
N VAL A 240 -3.96 -20.02 -0.78
CA VAL A 240 -2.51 -20.10 -0.98
C VAL A 240 -1.90 -21.04 0.04
N LYS A 241 -2.34 -20.95 1.30
CA LYS A 241 -1.80 -21.82 2.33
C LYS A 241 -2.03 -23.28 1.98
N GLU A 242 -3.20 -23.60 1.43
CA GLU A 242 -3.44 -24.99 1.06
C GLU A 242 -2.55 -25.38 -0.11
N CYS A 243 -2.40 -24.50 -1.09
CA CYS A 243 -1.72 -24.89 -2.32
C CYS A 243 -0.21 -24.93 -2.15
N VAL A 244 0.36 -24.09 -1.29
CA VAL A 244 1.75 -24.27 -0.88
C VAL A 244 1.93 -25.61 -0.18
N TYR A 245 0.94 -26.01 0.63
CA TYR A 245 1.11 -27.23 1.44
C TYR A 245 0.98 -28.48 0.59
N ASN A 246 0.01 -28.49 -0.34
CA ASN A 246 -0.11 -29.58 -1.30
C ASN A 246 0.97 -29.51 -2.38
N ASP A 247 1.84 -28.50 -2.32
CA ASP A 247 2.85 -28.23 -3.35
C ASP A 247 2.22 -27.94 -4.70
N ASP A 248 0.96 -27.49 -4.71
CA ASP A 248 0.40 -26.84 -5.89
C ASP A 248 1.17 -25.56 -6.20
N ILE A 249 1.64 -24.88 -5.17
CA ILE A 249 2.50 -23.69 -5.28
C ILE A 249 3.89 -24.09 -4.83
N LEU A 250 4.88 -23.83 -5.68
CA LEU A 250 6.25 -24.23 -5.37
C LEU A 250 6.90 -23.22 -4.41
N SER A 251 7.41 -23.72 -3.29
CA SER A 251 8.13 -22.92 -2.31
C SER A 251 9.06 -23.86 -1.53
N THR A 252 9.65 -23.34 -0.45
CA THR A 252 10.19 -24.17 0.61
C THR A 252 9.12 -24.34 1.69
N ASN A 253 9.18 -25.45 2.42
CA ASN A 253 8.16 -25.72 3.41
C ASN A 253 8.10 -24.53 4.35
N GLY A 254 6.87 -24.14 4.66
CA GLY A 254 6.61 -22.96 5.48
C GLY A 254 7.15 -22.93 6.89
N GLU A 255 7.11 -24.05 7.60
CA GLU A 255 7.63 -24.06 8.96
C GLU A 255 6.94 -22.95 9.72
N ASP A 256 5.61 -22.92 9.59
CA ASP A 256 4.75 -21.90 10.20
C ASP A 256 5.13 -20.51 9.70
N GLY A 257 5.36 -19.57 10.60
CA GLY A 257 5.71 -18.22 10.19
C GLY A 257 4.46 -17.45 9.80
N ALA A 258 4.66 -16.35 9.07
CA ALA A 258 3.50 -15.54 8.68
C ALA A 258 3.29 -15.31 7.18
N PHE A 259 2.04 -15.33 6.80
CA PHE A 259 1.72 -15.35 5.43
C PHE A 259 2.57 -14.34 4.72
N ASP A 260 2.86 -13.20 5.33
CA ASP A 260 3.64 -12.20 4.61
C ASP A 260 4.99 -12.77 4.17
N VAL A 261 5.59 -13.58 5.03
CA VAL A 261 6.86 -14.24 4.78
C VAL A 261 6.77 -15.45 3.86
N LEU A 262 5.73 -16.26 4.01
CA LEU A 262 5.62 -17.42 3.17
C LEU A 262 5.49 -16.98 1.72
N LEU A 263 4.70 -15.97 1.50
CA LEU A 263 4.54 -15.41 0.16
C LEU A 263 5.88 -15.04 -0.46
N GLY A 264 6.77 -14.46 0.36
CA GLY A 264 8.11 -14.13 -0.10
C GLY A 264 8.98 -15.33 -0.43
N LYS A 265 8.48 -16.54 -0.20
CA LYS A 265 9.27 -17.74 -0.47
C LYS A 265 8.69 -18.61 -1.59
N THR A 266 7.64 -18.11 -2.23
CA THR A 266 7.00 -18.84 -3.32
C THR A 266 7.41 -18.26 -4.67
N THR A 267 7.70 -19.15 -5.61
CA THR A 267 7.70 -18.76 -7.02
C THR A 267 6.34 -18.19 -7.36
N ILE A 268 6.33 -17.05 -8.05
CA ILE A 268 5.07 -16.43 -8.43
C ILE A 268 4.20 -17.46 -9.10
N PHE A 269 2.94 -17.52 -8.69
CA PHE A 269 2.06 -18.57 -9.16
C PHE A 269 0.95 -17.97 -10.01
N PRO A 270 0.47 -18.69 -11.01
CA PRO A 270 -0.47 -18.11 -11.97
C PRO A 270 -1.86 -17.98 -11.37
N PRO A 271 -2.66 -17.05 -11.87
CA PRO A 271 -4.04 -16.92 -11.40
C PRO A 271 -4.90 -18.17 -11.57
N LYS A 272 -4.55 -19.12 -12.44
CA LYS A 272 -5.40 -20.29 -12.61
C LYS A 272 -5.50 -21.10 -11.32
N THR A 273 -4.41 -21.16 -10.54
CA THR A 273 -4.46 -21.85 -9.26
C THR A 273 -5.57 -21.26 -8.39
N LEU A 274 -5.69 -19.93 -8.41
CA LEU A 274 -6.72 -19.27 -7.61
C LEU A 274 -8.11 -19.44 -8.22
N LEU A 275 -8.22 -19.38 -9.55
CA LEU A 275 -9.50 -19.61 -10.20
C LEU A 275 -10.03 -21.00 -9.89
N ASP A 276 -9.14 -22.01 -9.87
CA ASP A 276 -9.54 -23.38 -9.58
C ASP A 276 -10.13 -23.54 -8.19
N HIS A 277 -9.92 -22.55 -7.34
CA HIS A 277 -10.45 -22.53 -6.02
C HIS A 277 -11.45 -21.47 -5.76
N ASN A 278 -11.90 -20.85 -6.80
CA ASN A 278 -13.02 -19.91 -6.74
C ASN A 278 -12.71 -18.66 -5.90
N VAL A 279 -11.56 -18.07 -6.14
CA VAL A 279 -11.28 -16.70 -5.69
C VAL A 279 -11.20 -15.81 -6.93
N PRO A 280 -11.91 -14.68 -6.97
CA PRO A 280 -11.96 -13.90 -8.20
C PRO A 280 -10.63 -13.22 -8.47
N VAL A 281 -10.27 -13.18 -9.75
CA VAL A 281 -9.07 -12.48 -10.22
C VAL A 281 -9.46 -11.66 -11.42
N TYR A 282 -9.00 -10.41 -11.47
CA TYR A 282 -9.29 -9.54 -12.60
C TYR A 282 -8.00 -9.02 -13.20
N LYS A 283 -7.98 -8.87 -14.52
CA LYS A 283 -6.78 -8.48 -15.23
C LYS A 283 -6.87 -7.03 -15.68
N ALA A 284 -5.76 -6.33 -15.55
CA ALA A 284 -5.58 -5.01 -16.15
C ALA A 284 -4.32 -5.10 -17.01
N VAL A 285 -4.39 -4.59 -18.23
CA VAL A 285 -3.20 -4.45 -19.06
C VAL A 285 -3.00 -2.96 -19.26
N GLN A 286 -1.94 -2.42 -18.67
CA GLN A 286 -1.75 -0.98 -18.53
C GLN A 286 -0.72 -0.52 -19.55
N LYS A 287 -1.02 0.58 -20.23
CA LYS A 287 -0.13 1.17 -21.25
C LYS A 287 0.12 2.63 -20.92
N PRO A 288 1.23 3.20 -21.40
CA PRO A 288 1.52 4.59 -21.05
C PRO A 288 0.28 5.47 -21.14
N GLY A 289 0.14 6.37 -20.18
CA GLY A 289 -1.01 7.25 -20.13
C GLY A 289 -2.15 6.74 -19.27
N GLU A 290 -2.00 5.57 -18.65
CA GLU A 290 -3.04 5.01 -17.82
C GLU A 290 -2.57 4.86 -16.37
N PHE A 291 -3.52 5.11 -15.47
CA PHE A 291 -3.39 4.87 -14.05
C PHE A 291 -4.02 3.53 -13.71
N VAL A 292 -3.41 2.81 -12.78
CA VAL A 292 -3.99 1.63 -12.17
C VAL A 292 -4.10 1.88 -10.67
N VAL A 293 -5.27 1.63 -10.12
CA VAL A 293 -5.52 1.80 -8.69
C VAL A 293 -5.82 0.43 -8.10
N THR A 294 -5.15 0.11 -7.00
CA THR A 294 -5.48 -1.04 -6.18
C THR A 294 -6.03 -0.56 -4.84
N PHE A 295 -7.05 -1.23 -4.37
CA PHE A 295 -7.88 -0.89 -3.23
C PHE A 295 -7.37 -1.54 -1.96
N PRO A 296 -7.78 -1.05 -0.78
CA PRO A 296 -7.26 -1.60 0.48
C PRO A 296 -7.44 -3.10 0.56
N ARG A 297 -6.36 -3.78 0.93
CA ARG A 297 -6.32 -5.23 1.14
C ARG A 297 -6.48 -6.03 -0.15
N ALA A 298 -6.35 -5.39 -1.31
CA ALA A 298 -6.52 -6.07 -2.59
C ALA A 298 -5.19 -6.67 -3.01
N TYR A 299 -5.09 -8.00 -2.99
CA TYR A 299 -3.87 -8.65 -3.44
C TYR A 299 -3.65 -8.42 -4.93
N HIS A 300 -2.40 -8.18 -5.32
CA HIS A 300 -2.10 -7.98 -6.73
C HIS A 300 -0.71 -8.47 -7.12
N ALA A 301 -0.58 -8.87 -8.38
CA ALA A 301 0.68 -9.34 -8.95
C ALA A 301 0.75 -8.96 -10.41
N GLY A 302 1.95 -8.94 -10.99
CA GLY A 302 2.02 -8.59 -12.40
C GLY A 302 3.44 -8.59 -12.92
N PHE A 303 3.55 -8.26 -14.20
CA PHE A 303 4.83 -8.32 -14.88
C PHE A 303 4.87 -7.33 -16.04
N SER A 304 6.08 -7.01 -16.47
CA SER A 304 6.31 -6.08 -17.55
C SER A 304 6.50 -6.83 -18.88
N HIS A 305 6.04 -6.21 -19.97
CA HIS A 305 6.16 -6.79 -21.30
C HIS A 305 7.40 -6.31 -22.05
N GLY A 306 8.27 -5.55 -21.41
CA GLY A 306 9.43 -4.96 -22.04
C GLY A 306 9.85 -3.74 -21.23
N PHE A 307 10.76 -2.96 -21.82
CA PHE A 307 11.18 -1.73 -21.15
C PHE A 307 9.98 -0.84 -20.84
N ASN A 308 9.91 -0.37 -19.60
CA ASN A 308 8.84 0.53 -19.20
C ASN A 308 9.24 1.36 -18.00
N CYS A 309 8.59 2.51 -17.85
CA CYS A 309 8.84 3.38 -16.70
C CYS A 309 7.49 3.76 -16.14
N GLY A 310 7.31 3.56 -14.84
CA GLY A 310 6.10 3.98 -14.16
C GLY A 310 6.43 4.66 -12.85
N GLU A 311 5.38 5.14 -12.19
CA GLU A 311 5.51 5.90 -10.95
C GLU A 311 4.34 5.55 -10.05
N ALA A 312 4.61 5.32 -8.77
CA ALA A 312 3.53 4.86 -7.89
C ALA A 312 3.63 5.53 -6.53
N VAL A 313 2.47 5.67 -5.89
CA VAL A 313 2.43 6.11 -4.51
C VAL A 313 1.21 5.48 -3.83
N ASN A 314 1.34 5.24 -2.54
CA ASN A 314 0.28 4.66 -1.74
C ASN A 314 -0.42 5.76 -0.94
N PHE A 315 -1.68 5.51 -0.61
CA PHE A 315 -2.47 6.54 0.05
C PHE A 315 -3.66 5.93 0.78
N ALA A 316 -4.34 6.78 1.56
CA ALA A 316 -5.54 6.39 2.28
C ALA A 316 -6.56 7.52 2.22
N MET A 317 -7.83 7.14 2.35
CA MET A 317 -8.95 8.04 2.54
C MET A 317 -9.80 7.50 3.70
N GLY A 318 -10.90 8.20 4.01
CA GLY A 318 -11.73 7.80 5.13
C GLY A 318 -12.14 6.34 5.10
N ASP A 319 -12.59 5.87 3.93
CA ASP A 319 -13.06 4.49 3.79
C ASP A 319 -11.98 3.45 4.06
N TRP A 320 -10.71 3.86 4.12
CA TRP A 320 -9.64 2.93 4.46
C TRP A 320 -9.58 2.60 5.94
N PHE A 321 -10.15 3.42 6.81
CA PHE A 321 -9.90 3.23 8.24
C PHE A 321 -10.29 1.85 8.77
N PRO A 322 -11.41 1.23 8.38
CA PRO A 322 -11.64 -0.16 8.84
C PRO A 322 -10.54 -1.12 8.43
N PHE A 323 -9.94 -0.90 7.26
CA PHE A 323 -8.88 -1.79 6.81
C PHE A 323 -7.60 -1.56 7.59
N GLY A 324 -7.20 -0.29 7.76
CA GLY A 324 -6.08 0.01 8.63
C GLY A 324 -6.17 -0.67 9.97
N ALA A 325 -7.34 -0.60 10.62
CA ALA A 325 -7.55 -1.26 11.90
C ALA A 325 -7.15 -2.73 11.81
N ILE A 326 -7.68 -3.45 10.81
CA ILE A 326 -7.35 -4.87 10.69
C ILE A 326 -5.84 -5.03 10.57
N ALA A 327 -5.21 -4.20 9.72
CA ALA A 327 -3.77 -4.28 9.57
C ALA A 327 -3.06 -4.05 10.89
N SER A 328 -3.50 -3.04 11.66
CA SER A 328 -2.88 -2.79 12.95
C SER A 328 -2.93 -4.04 13.81
N CYS A 329 -4.10 -4.71 13.83
CA CYS A 329 -4.20 -5.95 14.59
C CYS A 329 -3.14 -6.94 14.13
N ARG A 330 -3.05 -7.17 12.82
CA ARG A 330 -2.05 -8.13 12.35
C ARG A 330 -0.66 -7.68 12.76
N TYR A 331 -0.36 -6.38 12.61
CA TYR A 331 0.94 -5.87 13.04
C TYR A 331 1.19 -6.25 14.50
N ALA A 332 0.19 -6.03 15.36
CA ALA A 332 0.34 -6.35 16.77
C ALA A 332 0.50 -7.85 16.97
N HIS A 333 -0.28 -8.64 16.23
CA HIS A 333 -0.22 -10.09 16.40
C HIS A 333 1.16 -10.63 16.02
N LEU A 334 1.75 -10.08 14.97
CA LEU A 334 3.06 -10.50 14.50
C LEU A 334 4.21 -9.83 15.25
N ASN A 335 3.91 -8.95 16.21
CA ASN A 335 4.93 -8.25 16.98
C ASN A 335 5.84 -7.42 16.08
N ARG A 336 5.22 -6.64 15.19
CA ARG A 336 5.95 -5.82 14.24
C ARG A 336 5.51 -4.37 14.36
N VAL A 337 6.47 -3.47 14.19
CA VAL A 337 6.16 -2.04 14.26
C VAL A 337 5.27 -1.66 13.08
N PRO A 338 4.12 -1.05 13.30
CA PRO A 338 3.26 -0.65 12.20
C PRO A 338 3.92 0.44 11.37
N LEU A 339 3.44 0.58 10.14
CA LEU A 339 4.00 1.59 9.25
C LEU A 339 3.48 2.97 9.62
N LEU A 340 2.19 3.07 9.95
CA LEU A 340 1.52 4.34 10.12
C LEU A 340 1.07 4.55 11.57
N PRO A 341 0.98 5.81 12.02
CA PRO A 341 0.41 6.11 13.35
C PRO A 341 -1.12 6.11 13.27
N HIS A 342 -1.66 4.89 13.37
CA HIS A 342 -3.09 4.66 13.18
C HIS A 342 -3.93 5.49 14.14
N GLU A 343 -3.65 5.38 15.45
CA GLU A 343 -4.41 6.10 16.46
C GLU A 343 -4.40 7.59 16.21
N GLU A 344 -3.22 8.12 15.88
CA GLU A 344 -3.08 9.55 15.64
C GLU A 344 -3.90 10.00 14.43
N LEU A 345 -3.94 9.20 13.36
CA LEU A 345 -4.74 9.56 12.19
C LEU A 345 -6.23 9.53 12.53
N ILE A 346 -6.67 8.49 13.24
CA ILE A 346 -8.05 8.44 13.72
C ILE A 346 -8.39 9.73 14.47
N CYS A 347 -7.58 10.06 15.48
CA CYS A 347 -7.91 11.19 16.35
C CYS A 347 -7.90 12.52 15.60
N LYS A 348 -6.92 12.71 14.71
CA LYS A 348 -6.83 13.98 14.00
C LYS A 348 -8.00 14.16 13.05
N GLU A 349 -8.33 13.12 12.27
CA GLU A 349 -9.48 13.22 11.37
C GLU A 349 -10.77 13.42 12.15
N ALA A 350 -10.91 12.72 13.28
CA ALA A 350 -12.14 12.81 14.05
C ALA A 350 -12.32 14.20 14.65
N MET A 351 -11.24 14.79 15.18
CA MET A 351 -11.38 16.14 15.73
C MET A 351 -11.59 17.16 14.63
N LEU A 352 -11.06 16.93 13.43
CA LEU A 352 -11.38 17.81 12.31
C LEU A 352 -12.87 17.75 11.98
N LEU A 353 -13.45 16.55 11.99
CA LEU A 353 -14.88 16.42 11.72
C LEU A 353 -15.72 17.04 12.83
N ASN A 354 -15.32 16.83 14.09
CA ASN A 354 -16.02 17.44 15.21
C ASN A 354 -15.96 18.95 15.15
N SER A 355 -14.90 19.51 14.53
CA SER A 355 -14.73 20.94 14.54
C SER A 355 -15.64 21.66 13.54
N SER A 356 -16.03 20.96 12.48
CA SER A 356 -16.90 21.56 11.48
C SER A 356 -18.10 20.68 11.16
N SER A 357 -19.26 21.32 11.25
CA SER A 357 -20.53 20.67 11.02
C SER A 357 -21.35 21.11 9.79
N LYS A 358 -20.90 22.11 9.04
CA LYS A 358 -21.72 22.52 7.90
C LYS A 358 -21.15 22.29 6.52
N SER A 359 -19.82 22.14 6.45
CA SER A 359 -19.13 21.81 5.22
C SER A 359 -19.47 20.37 4.80
N GLU A 360 -19.47 19.49 5.80
CA GLU A 360 -19.81 18.07 5.64
C GLU A 360 -21.28 17.68 5.50
N ASN A 361 -22.17 18.26 6.29
CA ASN A 361 -23.56 17.87 6.19
C ASN A 361 -24.25 18.15 4.83
N LEU A 362 -24.02 19.32 4.26
CA LEU A 362 -24.66 19.74 3.01
C LEU A 362 -24.41 19.06 1.64
N ASP A 363 -23.15 18.79 1.29
CA ASP A 363 -22.85 18.23 -0.05
C ASP A 363 -22.11 16.89 -0.17
N LEU A 364 -22.13 16.06 0.87
CA LEU A 364 -21.38 14.79 0.84
C LEU A 364 -21.83 13.64 -0.09
N THR A 365 -20.83 12.96 -0.66
CA THR A 365 -21.01 11.78 -1.53
C THR A 365 -21.24 10.51 -0.68
N PRO A 366 -21.69 9.41 -1.25
CA PRO A 366 -21.94 8.27 -0.34
C PRO A 366 -20.66 7.68 0.24
N THR A 367 -19.63 7.48 -0.58
CA THR A 367 -18.40 6.88 -0.10
C THR A 367 -17.69 7.81 0.88
N GLU A 368 -17.74 9.12 0.64
CA GLU A 368 -17.17 10.09 1.58
C GLU A 368 -17.90 10.04 2.91
N LEU A 369 -19.23 9.98 2.87
CA LEU A 369 -20.00 9.92 4.10
C LEU A 369 -19.72 8.63 4.86
N SER A 370 -19.60 7.51 4.13
CA SER A 370 -19.24 6.26 4.77
C SER A 370 -17.86 6.32 5.41
N GLY A 371 -16.91 6.98 4.75
CA GLY A 371 -15.59 7.17 5.35
C GLY A 371 -15.65 8.02 6.61
N GLN A 372 -16.44 9.08 6.58
CA GLN A 372 -16.65 9.89 7.79
C GLN A 372 -17.22 9.04 8.92
N ARG A 373 -18.21 8.19 8.60
CA ARG A 373 -18.77 7.32 9.63
C ARG A 373 -17.74 6.33 10.15
N SER A 374 -16.88 5.80 9.27
CA SER A 374 -15.82 4.89 9.69
C SER A 374 -14.84 5.58 10.63
N ILE A 375 -14.47 6.82 10.32
CA ILE A 375 -13.59 7.59 11.21
C ILE A 375 -14.26 7.80 12.56
N LYS A 376 -15.51 8.28 12.55
CA LYS A 376 -16.22 8.54 13.80
C LYS A 376 -16.37 7.28 14.64
N THR A 377 -16.61 6.14 13.99
CA THR A 377 -16.78 4.88 14.71
C THR A 377 -15.46 4.44 15.33
N ALA A 378 -14.38 4.47 14.55
CA ALA A 378 -13.07 4.13 15.09
C ALA A 378 -12.72 5.03 16.28
N PHE A 379 -13.01 6.33 16.15
CA PHE A 379 -12.71 7.27 17.23
C PHE A 379 -13.51 6.97 18.48
N VAL A 380 -14.81 6.71 18.33
CA VAL A 380 -15.66 6.40 19.47
C VAL A 380 -15.16 5.15 20.18
N HIS A 381 -14.82 4.11 19.42
CA HIS A 381 -14.32 2.89 20.03
C HIS A 381 -13.01 3.12 20.76
N LEU A 382 -12.10 3.89 20.14
CA LEU A 382 -10.82 4.18 20.76
C LEU A 382 -11.01 4.91 22.08
N ILE A 383 -11.81 5.97 22.08
CA ILE A 383 -12.03 6.76 23.29
C ILE A 383 -12.68 5.91 24.37
N ARG A 384 -13.58 5.00 23.98
CA ARG A 384 -14.22 4.14 24.97
C ARG A 384 -13.25 3.18 25.63
N PHE A 385 -12.43 2.52 24.85
CA PHE A 385 -11.49 1.61 25.42
C PHE A 385 -10.54 2.35 26.30
N LEU A 386 -10.09 3.49 25.85
CA LEU A 386 -9.14 4.24 26.66
C LEU A 386 -9.76 4.71 27.96
N HIS A 387 -11.03 5.11 27.93
CA HIS A 387 -11.70 5.51 29.16
C HIS A 387 -11.77 4.35 30.14
N LEU A 388 -12.16 3.16 29.66
CA LEU A 388 -12.28 2.02 30.56
C LEU A 388 -10.91 1.59 31.10
N ALA A 389 -9.90 1.59 30.22
CA ALA A 389 -8.56 1.23 30.65
C ALA A 389 -8.04 2.21 31.69
N ARG A 390 -8.29 3.51 31.49
CA ARG A 390 -7.84 4.52 32.44
C ARG A 390 -8.56 4.38 33.77
N TRP A 391 -9.86 4.06 33.73
CA TRP A 391 -10.59 3.87 34.97
C TRP A 391 -10.02 2.69 35.76
N SER A 392 -9.76 1.58 35.08
CA SER A 392 -9.15 0.43 35.76
C SER A 392 -7.77 0.80 36.30
N LEU A 393 -6.97 1.51 35.49
CA LEU A 393 -5.64 1.91 35.91
C LEU A 393 -5.70 2.75 37.18
N MET A 394 -6.62 3.72 37.22
CA MET A 394 -6.77 4.54 38.41
C MET A 394 -7.16 3.69 39.61
N LYS A 395 -8.15 2.81 39.44
CA LYS A 395 -8.62 2.01 40.57
C LYS A 395 -7.53 1.08 41.11
N SER A 396 -6.61 0.62 40.25
CA SER A 396 -5.59 -0.30 40.72
C SER A 396 -4.59 0.38 41.65
N GLY A 397 -4.37 1.69 41.48
CA GLY A 397 -3.37 2.38 42.27
C GLY A 397 -1.94 2.02 41.95
N LEU A 398 -1.69 1.34 40.84
CA LEU A 398 -0.34 0.91 40.46
C LEU A 398 0.34 1.89 39.51
N CYS A 399 -0.36 2.94 39.08
CA CYS A 399 0.18 3.95 38.19
C CYS A 399 -0.01 5.30 38.87
N THR A 400 0.93 5.64 39.76
CA THR A 400 0.76 6.84 40.57
C THR A 400 1.02 8.12 39.77
N GLY A 401 1.93 8.06 38.80
CA GLY A 401 2.30 9.27 38.08
C GLY A 401 1.33 9.61 36.95
N LEU A 402 1.18 10.91 36.71
CA LEU A 402 0.39 11.39 35.60
C LEU A 402 1.10 12.59 34.98
N VAL A 403 1.27 12.57 33.67
CA VAL A 403 1.95 13.62 32.92
C VAL A 403 1.15 13.94 31.67
N SER A 404 1.01 15.23 31.39
CA SER A 404 0.44 15.69 30.13
C SER A 404 1.35 15.27 28.98
N ASN A 405 0.79 14.51 28.03
CA ASN A 405 1.55 13.90 26.95
C ASN A 405 1.52 14.84 25.75
N THR A 406 2.68 15.40 25.41
CA THR A 406 2.83 16.28 24.26
C THR A 406 3.69 15.67 23.16
N TYR A 407 4.01 14.39 23.27
CA TYR A 407 4.79 13.72 22.25
C TYR A 407 3.95 13.48 20.99
N GLY A 408 4.63 13.04 19.94
CA GLY A 408 3.97 12.40 18.83
C GLY A 408 3.60 10.99 19.21
N THR A 409 3.39 10.16 18.21
CA THR A 409 3.12 8.75 18.43
C THR A 409 4.38 8.06 18.96
N ILE A 410 4.23 7.23 19.99
CA ILE A 410 5.34 6.40 20.46
C ILE A 410 4.94 4.94 20.29
N VAL A 411 5.96 4.09 20.26
CA VAL A 411 5.81 2.66 19.99
C VAL A 411 5.86 1.90 21.31
N CYS A 412 4.90 0.99 21.51
CA CYS A 412 4.87 0.19 22.73
C CYS A 412 6.03 -0.79 22.74
N SER A 413 6.71 -0.91 23.89
CA SER A 413 7.89 -1.76 23.97
C SER A 413 7.57 -3.25 23.98
N LEU A 414 6.32 -3.63 24.22
CA LEU A 414 5.93 -5.04 24.29
C LEU A 414 5.25 -5.50 23.00
N CYS A 415 4.15 -4.83 22.62
CA CYS A 415 3.42 -5.27 21.44
C CYS A 415 3.67 -4.42 20.22
N LYS A 416 4.40 -3.31 20.35
CA LYS A 416 4.81 -2.42 19.27
C LYS A 416 3.64 -1.66 18.64
N ARG A 417 2.47 -1.67 19.26
CA ARG A 417 1.37 -0.84 18.78
C ARG A 417 1.69 0.63 18.97
N ASP A 418 1.21 1.46 18.05
CA ASP A 418 1.36 2.91 18.17
C ASP A 418 0.51 3.45 19.32
N CYS A 419 1.06 4.42 20.05
CA CYS A 419 0.37 5.05 21.17
C CYS A 419 0.34 6.55 20.93
N TYR A 420 -0.85 7.09 20.71
CA TYR A 420 -1.02 8.53 20.54
C TYR A 420 -1.71 9.17 21.72
N LEU A 421 -2.80 8.57 22.21
CA LEU A 421 -3.55 9.17 23.30
C LEU A 421 -2.86 8.97 24.64
N ALA A 422 -2.37 7.76 24.91
CA ALA A 422 -1.87 7.46 26.23
C ALA A 422 -0.82 6.36 26.14
N PHE A 423 0.19 6.44 27.01
CA PHE A 423 1.06 5.30 27.23
C PHE A 423 1.49 5.30 28.70
N ILE A 424 1.96 4.15 29.16
CA ILE A 424 2.47 4.01 30.52
C ILE A 424 3.99 3.97 30.44
N ASN A 425 4.64 5.02 30.93
CA ASN A 425 6.08 5.16 30.93
C ASN A 425 6.69 4.58 32.21
N CYS A 426 7.93 4.14 32.07
CA CYS A 426 8.72 3.49 33.09
C CYS A 426 9.70 4.50 33.69
N GLU A 427 10.48 4.02 34.67
CA GLU A 427 11.37 4.90 35.41
C GLU A 427 12.60 5.32 34.60
N CYS A 428 12.91 4.63 33.51
CA CYS A 428 14.12 4.93 32.76
C CYS A 428 13.86 5.40 31.33
N TYR A 429 12.59 5.43 30.88
CA TYR A 429 12.11 5.92 29.59
C TYR A 429 12.29 4.93 28.44
N SER A 430 12.90 3.77 28.66
CA SER A 430 13.10 2.82 27.56
C SER A 430 12.10 1.67 27.56
N HIS A 431 11.21 1.59 28.55
CA HIS A 431 10.20 0.53 28.49
C HIS A 431 8.76 1.03 28.52
N PRO A 432 8.37 2.00 27.68
CA PRO A 432 6.96 2.44 27.70
C PRO A 432 6.08 1.36 27.10
N VAL A 433 4.84 1.30 27.59
CA VAL A 433 3.88 0.31 27.10
C VAL A 433 2.54 0.98 26.83
N CYS A 434 1.81 0.43 25.86
CA CYS A 434 0.44 0.86 25.61
C CYS A 434 -0.46 0.39 26.75
N LEU A 435 -1.69 0.87 26.75
CA LEU A 435 -2.60 0.63 27.87
C LEU A 435 -3.32 -0.72 27.80
N ARG A 436 -2.84 -1.66 26.98
CA ARG A 436 -3.44 -2.98 26.88
C ARG A 436 -2.81 -3.99 27.83
N HIS A 437 -1.76 -3.62 28.54
CA HIS A 437 -1.00 -4.56 29.33
C HIS A 437 -1.33 -4.41 30.81
N ASP A 438 -1.32 -5.53 31.53
CA ASP A 438 -1.59 -5.53 32.96
C ASP A 438 -0.37 -4.98 33.68
N VAL A 439 -0.53 -3.81 34.28
CA VAL A 439 0.61 -3.14 34.93
C VAL A 439 1.19 -4.00 36.03
N LYS A 440 0.33 -4.68 36.80
CA LYS A 440 0.82 -5.52 37.89
C LYS A 440 1.79 -6.58 37.40
N LYS A 441 1.66 -7.01 36.15
CA LYS A 441 2.50 -8.08 35.62
C LYS A 441 3.74 -7.57 34.88
N LEU A 442 3.91 -6.26 34.72
CA LEU A 442 5.15 -5.75 34.15
C LEU A 442 6.29 -5.94 35.14
N ASP A 443 7.35 -6.59 34.71
CA ASP A 443 8.56 -6.72 35.53
C ASP A 443 9.63 -5.87 34.85
N LEU A 444 9.69 -4.60 35.24
CA LEU A 444 10.67 -3.87 34.47
C LEU A 444 11.94 -3.67 35.27
N PRO A 445 13.10 -3.80 34.62
CA PRO A 445 14.38 -3.63 35.34
C PRO A 445 14.59 -2.25 35.92
N CYS A 446 13.85 -1.24 35.49
CA CYS A 446 14.11 0.10 35.97
C CYS A 446 13.39 0.43 37.27
N GLY A 447 12.47 -0.42 37.71
CA GLY A 447 11.67 -0.16 38.90
C GLY A 447 10.19 -0.34 38.63
N THR A 448 9.41 -0.03 39.65
CA THR A 448 7.97 -0.28 39.63
C THR A 448 7.12 0.99 39.58
N THR A 449 7.72 2.17 39.58
CA THR A 449 6.93 3.39 39.48
C THR A 449 6.52 3.61 38.03
N HIS A 450 5.24 3.84 37.81
CA HIS A 450 4.67 3.93 36.48
C HIS A 450 3.97 5.26 36.32
N THR A 451 4.21 5.92 35.18
CA THR A 451 3.65 7.24 34.93
C THR A 451 2.78 7.21 33.68
N LEU A 452 1.51 7.56 33.82
CA LEU A 452 0.61 7.62 32.68
C LEU A 452 0.85 8.93 31.94
N TYR A 453 1.20 8.83 30.66
CA TYR A 453 1.27 9.98 29.77
C TYR A 453 -0.06 10.02 29.02
N LEU A 454 -0.80 11.11 29.21
CA LEU A 454 -2.17 11.24 28.70
C LEU A 454 -2.27 12.52 27.90
N ARG A 455 -2.76 12.43 26.65
CA ARG A 455 -2.81 13.62 25.80
C ARG A 455 -3.61 14.73 26.45
N ASP A 456 -3.15 15.97 26.24
CA ASP A 456 -3.63 17.09 27.05
C ASP A 456 -5.10 17.39 26.83
N ASN A 457 -5.64 17.15 25.63
CA ASN A 457 -7.01 17.54 25.31
C ASN A 457 -7.97 16.36 25.37
N ILE A 458 -7.71 15.39 26.24
CA ILE A 458 -8.48 14.16 26.29
C ILE A 458 -9.97 14.43 26.55
N GLU A 459 -10.28 15.48 27.32
CA GLU A 459 -11.68 15.76 27.64
C GLU A 459 -12.43 16.31 26.44
N ASP A 460 -11.79 17.19 25.66
CA ASP A 460 -12.41 17.65 24.41
C ASP A 460 -12.72 16.48 23.49
N MET A 461 -11.81 15.50 23.44
CA MET A 461 -12.01 14.35 22.56
C MET A 461 -13.08 13.41 23.11
N GLU A 462 -13.20 13.29 24.43
CA GLU A 462 -14.31 12.53 24.98
C GLU A 462 -15.64 13.19 24.65
N ALA A 463 -15.68 14.52 24.67
CA ALA A 463 -16.92 15.22 24.31
C ALA A 463 -17.27 14.99 22.85
N ALA A 464 -16.26 15.11 21.96
CA ALA A 464 -16.47 14.81 20.55
C ALA A 464 -16.99 13.39 20.36
N ALA A 465 -16.45 12.44 21.12
CA ALA A 465 -16.88 11.05 21.01
C ALA A 465 -18.33 10.89 21.46
N MET A 466 -18.69 11.50 22.60
CA MET A 466 -20.06 11.39 23.09
C MET A 466 -21.05 11.98 22.10
N LYS A 467 -20.64 13.02 21.37
CA LYS A 467 -21.55 13.58 20.38
C LYS A 467 -21.65 12.70 19.13
N PHE A 468 -20.52 12.12 18.68
CA PHE A 468 -20.58 11.19 17.55
C PHE A 468 -21.43 9.97 17.88
N GLU A 469 -21.33 9.49 19.12
CA GLU A 469 -22.08 8.35 19.65
C GLU A 469 -23.55 8.39 19.30
N LYS A 470 -24.14 9.58 19.32
CA LYS A 470 -25.57 9.76 19.15
C LYS A 470 -25.98 9.99 17.70
N GLU A 471 -25.02 10.16 16.80
CA GLU A 471 -25.34 10.41 15.39
C GLU A 471 -25.80 9.13 14.72
N ASP A 472 -26.75 9.27 13.80
CA ASP A 472 -27.18 8.14 12.99
C ASP A 472 -26.01 7.63 12.15
N GLY A 473 -25.99 6.32 11.90
CA GLY A 473 -24.92 5.72 11.14
C GLY A 473 -23.67 5.42 11.92
N VAL A 474 -23.44 6.11 13.04
CA VAL A 474 -22.39 5.74 13.98
C VAL A 474 -23.01 4.71 14.91
N SER A 475 -22.84 3.43 14.56
CA SER A 475 -23.47 2.32 15.27
C SER A 475 -22.39 1.33 15.66
N ASP A 476 -22.34 1.01 16.94
CA ASP A 476 -21.14 0.42 17.52
C ASP A 476 -21.40 -0.88 18.28
C1 AKG B . 1.61 -1.08 -6.51
O1 AKG B . 0.90 -1.39 -5.53
O2 AKG B . 1.56 0.06 -7.02
C2 AKG B . 2.50 -2.08 -7.09
O5 AKG B . 2.77 -3.10 -6.48
C3 AKG B . 3.11 -1.83 -8.45
C4 AKG B . 4.58 -2.23 -8.43
C5 AKG B . 5.21 -1.91 -9.77
O3 AKG B . 5.16 -0.73 -10.17
O4 AKG B . 5.74 -2.83 -10.41
NI NI C . 1.59 -3.22 -4.79
ZN ZN D . 1.30 -2.83 23.83
ZN ZN E . 12.65 1.44 32.06
S SO4 F . -3.86 15.65 31.41
O1 SO4 F . -4.40 16.85 30.78
O2 SO4 F . -4.95 14.89 32.03
O3 SO4 F . -2.89 16.03 32.44
O4 SO4 F . -3.21 14.83 30.40
S SO4 G . 4.95 5.00 13.83
O1 SO4 G . 5.44 3.73 14.35
O2 SO4 G . 3.50 5.00 13.76
O3 SO4 G . 5.40 6.08 14.72
O4 SO4 G . 5.49 5.23 12.50
S SO4 H . 9.50 8.29 25.66
O1 SO4 H . 9.33 7.07 26.47
O2 SO4 H . 8.20 8.72 25.15
O3 SO4 H . 10.39 8.02 24.53
O4 SO4 H . 10.06 9.33 26.50
S SO4 I . 19.54 10.02 -26.54
O1 SO4 I . 18.40 9.37 -25.90
O2 SO4 I . 19.15 11.36 -26.97
O3 SO4 I . 20.64 10.11 -25.59
O4 SO4 I . 19.95 9.24 -27.70
S SO4 J . 21.89 6.13 -28.85
O1 SO4 J . 21.69 6.26 -27.42
O2 SO4 J . 20.64 6.44 -29.55
O3 SO4 J . 22.92 7.06 -29.30
O4 SO4 J . 22.30 4.76 -29.16
S SO4 K . 18.46 0.43 -29.84
O1 SO4 K . 17.73 1.31 -28.94
O2 SO4 K . 17.53 -0.53 -30.44
O3 SO4 K . 19.07 1.22 -30.90
O4 SO4 K . 19.49 -0.28 -29.10
S SO4 L . 17.93 16.47 -9.30
O1 SO4 L . 17.99 17.19 -8.03
O2 SO4 L . 16.57 16.57 -9.83
O3 SO4 L . 18.28 15.07 -9.08
O4 SO4 L . 18.86 17.07 -10.25
S SO4 M . 24.20 0.46 -30.63
O1 SO4 M . 23.78 1.84 -30.35
O2 SO4 M . 23.02 -0.44 -30.60
O3 SO4 M . 25.17 0.01 -29.60
O4 SO4 M . 24.83 0.39 -31.97
S SO4 N . -13.72 -4.87 6.50
O1 SO4 N . -14.31 -4.88 5.16
O2 SO4 N . -14.63 -4.21 7.43
O3 SO4 N . -12.46 -4.11 6.46
O4 SO4 N . -13.45 -6.23 6.93
S SO4 O . 26.90 5.23 -15.68
O1 SO4 O . 26.05 5.90 -16.65
O2 SO4 O . 26.40 5.49 -14.33
O3 SO4 O . 28.27 5.75 -15.79
O4 SO4 O . 26.89 3.79 -15.93
S SO4 P . 8.90 -3.69 -11.99
O1 SO4 P . 8.30 -3.28 -10.72
O2 SO4 P . 7.85 -4.01 -12.96
O3 SO4 P . 9.73 -2.59 -12.49
O4 SO4 P . 9.74 -4.85 -11.75
S SO4 Q . -1.00 -14.60 9.35
O1 SO4 Q . -1.27 -13.67 10.46
O2 SO4 Q . -1.87 -14.28 8.22
O3 SO4 Q . 0.39 -14.46 8.95
O4 SO4 Q . -1.25 -15.97 9.79
S SO4 R . -0.50 -8.63 29.59
O1 SO4 R . -0.23 -7.30 30.18
O2 SO4 R . -1.95 -8.94 29.74
O3 SO4 R . -0.15 -8.61 28.16
O4 SO4 R . 0.29 -9.65 30.29
#